data_3QVA
#
_entry.id   3QVA
#
_cell.length_a   42.192
_cell.length_b   101.302
_cell.length_c   106.111
_cell.angle_alpha   90.000
_cell.angle_beta   90.000
_cell.angle_gamma   90.000
#
_symmetry.space_group_name_H-M   'P 21 21 21'
#
loop_
_entity.id
_entity.type
_entity.pdbx_description
1 polymer 'Transthyretin-like protein'
2 non-polymer 'PHOSPHATE ION'
3 water water
#
_entity_poly.entity_id   1
_entity_poly.type   'polypeptide(L)'
_entity_poly.pdbx_seq_one_letter_code
;ENLYFQGHMSTLSTHILDISTGTPAEGVTVSLSREGETLANLVTNAQGRIATFSAAPLPAGRYCLTAETGAWFARAGRES
VFTRAQIDFVIGEAAEDHFHLPFLIAPGGWSTYRGS
;
_entity_poly.pdbx_strand_id   A,B,C,D
#
loop_
_chem_comp.id
_chem_comp.type
_chem_comp.name
_chem_comp.formula
PO4 non-polymer 'PHOSPHATE ION' 'O4 P -3'
#
# COMPACT_ATOMS: atom_id res chain seq x y z
N GLU A 1 -18.94 22.53 -0.47
CA GLU A 1 -18.35 23.52 0.48
C GLU A 1 -17.38 24.46 -0.27
N ASN A 2 -17.23 25.66 0.27
CA ASN A 2 -16.27 26.65 -0.22
C ASN A 2 -14.83 26.14 -0.24
N LEU A 3 -14.06 26.61 -1.22
CA LEU A 3 -12.61 26.41 -1.23
C LEU A 3 -11.94 27.54 -0.47
N TYR A 4 -11.03 27.20 0.43
CA TYR A 4 -10.33 28.22 1.22
C TYR A 4 -9.07 27.71 1.87
N PHE A 5 -8.13 28.62 2.07
CA PHE A 5 -7.05 28.44 3.04
C PHE A 5 -6.53 29.79 3.52
N GLN A 6 -5.75 29.77 4.60
CA GLN A 6 -5.14 30.92 5.28
C GLN A 6 -5.63 31.05 6.73
N MET A 9 7.55 24.84 13.00
CA MET A 9 6.61 25.23 11.94
C MET A 9 6.83 24.39 10.69
N SER A 10 5.74 23.84 10.16
CA SER A 10 5.82 22.89 9.05
C SER A 10 4.67 23.08 8.06
N THR A 11 5.04 23.25 6.78
CA THR A 11 4.06 23.31 5.70
C THR A 11 3.52 21.91 5.38
N LEU A 12 2.35 21.86 4.75
CA LEU A 12 1.70 20.60 4.43
C LEU A 12 1.28 20.53 2.96
N SER A 13 1.62 19.42 2.32
CA SER A 13 1.18 19.19 0.95
C SER A 13 0.64 17.77 0.78
N THR A 14 -0.12 17.56 -0.28
CA THR A 14 -0.53 16.22 -0.64
C THR A 14 -0.49 15.99 -2.15
N HIS A 15 -0.61 14.72 -2.51
CA HIS A 15 -0.60 14.25 -3.87
C HIS A 15 -1.51 13.03 -3.85
N ILE A 16 -2.49 12.97 -4.74
CA ILE A 16 -3.39 11.84 -4.79
C ILE A 16 -3.28 11.14 -6.13
N LEU A 17 -2.95 9.85 -6.07
CA LEU A 17 -2.86 9.03 -7.27
C LEU A 17 -3.93 7.95 -7.24
N ASP A 18 -4.63 7.78 -8.35
CA ASP A 18 -5.57 6.68 -8.49
C ASP A 18 -4.80 5.49 -9.05
N ILE A 19 -4.45 4.55 -8.17
CA ILE A 19 -3.64 3.42 -8.58
C ILE A 19 -4.44 2.38 -9.35
N SER A 20 -5.76 2.52 -9.38
CA SER A 20 -6.60 1.65 -10.19
C SER A 20 -6.38 1.93 -11.68
N THR A 21 -5.96 3.16 -12.00
CA THR A 21 -5.70 3.57 -13.39
C THR A 21 -4.25 4.00 -13.64
N GLY A 22 -3.50 4.24 -12.56
CA GLY A 22 -2.14 4.75 -12.66
C GLY A 22 -2.04 6.20 -13.11
N THR A 23 -3.02 7.01 -12.69
CA THR A 23 -3.05 8.42 -13.07
C THR A 23 -3.29 9.30 -11.85
N PRO A 24 -2.83 10.57 -11.90
CA PRO A 24 -3.12 11.48 -10.81
C PRO A 24 -4.63 11.72 -10.70
N ALA A 25 -5.11 11.86 -9.47
CA ALA A 25 -6.53 12.05 -9.23
C ALA A 25 -6.83 13.54 -9.19
N GLU A 26 -7.45 14.05 -10.25
CA GLU A 26 -7.78 15.47 -10.38
C GLU A 26 -9.21 15.76 -9.92
N GLY A 27 -9.36 16.80 -9.10
CA GLY A 27 -10.68 17.24 -8.63
C GLY A 27 -11.17 16.58 -7.36
N VAL A 28 -10.25 16.03 -6.57
CA VAL A 28 -10.59 15.45 -5.26
C VAL A 28 -10.57 16.58 -4.24
N THR A 29 -11.65 16.74 -3.49
CA THR A 29 -11.69 17.70 -2.40
C THR A 29 -10.97 17.13 -1.19
N VAL A 30 -10.09 17.95 -0.60
CA VAL A 30 -9.32 17.56 0.58
C VAL A 30 -9.38 18.68 1.63
N SER A 31 -9.82 18.32 2.85
CA SER A 31 -9.91 19.30 3.93
C SER A 31 -8.88 19.06 5.02
N LEU A 32 -8.47 20.15 5.65
CA LEU A 32 -7.57 20.08 6.81
C LEU A 32 -8.30 20.63 8.02
N SER A 33 -8.26 19.88 9.11
CA SER A 33 -8.84 20.35 10.36
C SER A 33 -7.91 20.14 11.54
N ARG A 34 -8.16 20.90 12.60
CA ARG A 34 -7.43 20.77 13.85
C ARG A 34 -8.43 20.99 14.98
N GLU A 35 -8.53 20.00 15.87
CA GLU A 35 -9.43 20.04 17.03
C GLU A 35 -10.86 20.45 16.67
N GLY A 36 -11.42 19.83 15.64
CA GLY A 36 -12.79 20.11 15.21
C GLY A 36 -12.94 21.22 14.18
N GLU A 37 -12.03 22.19 14.22
CA GLU A 37 -12.09 23.36 13.34
C GLU A 37 -11.42 23.10 12.00
N THR A 38 -12.19 23.25 10.91
CA THR A 38 -11.61 23.10 9.58
C THR A 38 -10.81 24.33 9.18
N LEU A 39 -9.55 24.10 8.82
CA LEU A 39 -8.59 25.14 8.55
C LEU A 39 -8.49 25.46 7.06
N ALA A 40 -8.79 24.46 6.24
CA ALA A 40 -8.70 24.59 4.80
C ALA A 40 -9.56 23.56 4.12
N ASN A 41 -10.04 23.90 2.94
CA ASN A 41 -10.75 22.97 2.07
C ASN A 41 -10.33 23.29 0.66
N LEU A 42 -9.65 22.34 0.01
CA LEU A 42 -9.03 22.56 -1.30
C LEU A 42 -9.29 21.41 -2.24
N VAL A 43 -8.83 21.55 -3.49
CA VAL A 43 -9.08 20.53 -4.53
C VAL A 43 -7.79 20.21 -5.27
N THR A 44 -7.55 18.92 -5.54
CA THR A 44 -6.35 18.53 -6.26
C THR A 44 -6.40 19.05 -7.69
N ASN A 45 -5.25 19.47 -8.19
CA ASN A 45 -5.12 19.93 -9.57
C ASN A 45 -4.94 18.78 -10.57
N ALA A 46 -4.63 19.11 -11.82
CA ALA A 46 -4.44 18.11 -12.88
C ALA A 46 -3.32 17.10 -12.59
N GLN A 47 -2.36 17.48 -11.75
CA GLN A 47 -1.28 16.58 -11.34
C GLN A 47 -1.61 15.83 -10.05
N GLY A 48 -2.85 15.99 -9.57
CA GLY A 48 -3.32 15.32 -8.37
C GLY A 48 -2.80 15.96 -7.09
N ARG A 49 -2.35 17.21 -7.20
CA ARG A 49 -1.61 17.84 -6.10
C ARG A 49 -2.30 19.03 -5.45
N ILE A 50 -2.00 19.22 -4.17
CA ILE A 50 -2.30 20.45 -3.45
C ILE A 50 -0.97 20.88 -2.82
N ALA A 51 -0.43 22.01 -3.27
CA ALA A 51 0.91 22.44 -2.87
C ALA A 51 1.04 22.87 -1.42
N THR A 52 -0.02 23.49 -0.88
CA THR A 52 -0.04 23.96 0.50
C THR A 52 -1.47 24.11 1.03
N PHE A 53 -1.64 23.89 2.33
CA PHE A 53 -2.95 24.04 2.97
C PHE A 53 -3.03 25.29 3.84
N SER A 54 -1.99 26.11 3.77
CA SER A 54 -1.88 27.31 4.60
C SER A 54 -0.97 28.33 3.96
N ALA A 55 -1.27 29.61 4.18
CA ALA A 55 -0.42 30.71 3.70
C ALA A 55 0.92 30.74 4.42
N ALA A 56 0.88 30.50 5.73
CA ALA A 56 2.08 30.43 6.56
C ALA A 56 2.26 28.98 7.07
N PRO A 57 3.48 28.60 7.49
CA PRO A 57 3.67 27.25 8.03
C PRO A 57 2.76 26.95 9.23
N LEU A 58 2.30 25.70 9.31
CA LEU A 58 1.39 25.26 10.37
C LEU A 58 2.12 25.10 11.70
N PRO A 59 1.47 25.50 12.80
CA PRO A 59 2.02 25.28 14.14
C PRO A 59 1.97 23.82 14.57
N ALA A 60 2.59 23.52 15.71
CA ALA A 60 2.56 22.17 16.30
C ALA A 60 1.18 21.82 16.80
N GLY A 61 0.81 20.55 16.67
CA GLY A 61 -0.50 20.07 17.12
C GLY A 61 -0.98 18.85 16.35
N ARG A 62 -2.22 18.45 16.62
CA ARG A 62 -2.80 17.28 15.98
C ARG A 62 -3.76 17.67 14.86
N TYR A 63 -3.54 17.10 13.68
CA TYR A 63 -4.29 17.47 12.49
C TYR A 63 -4.97 16.29 11.83
N CYS A 64 -5.92 16.61 10.97
CA CYS A 64 -6.68 15.62 10.25
C CYS A 64 -6.81 16.10 8.81
N LEU A 65 -6.26 15.33 7.86
CA LEU A 65 -6.45 15.59 6.43
C LEU A 65 -7.47 14.60 5.90
N THR A 66 -8.52 15.09 5.26
CA THR A 66 -9.58 14.22 4.78
C THR A 66 -9.82 14.39 3.28
N ALA A 67 -9.59 13.31 2.53
CA ALA A 67 -9.83 13.33 1.09
C ALA A 67 -11.18 12.71 0.80
N GLU A 68 -11.99 13.42 0.03
CA GLU A 68 -13.34 12.96 -0.26
C GLU A 68 -13.31 11.98 -1.43
N THR A 69 -12.75 10.81 -1.19
CA THR A 69 -12.47 9.83 -2.24
C THR A 69 -13.74 9.15 -2.76
N GLY A 70 -14.66 8.83 -1.84
CA GLY A 70 -15.90 8.15 -2.21
C GLY A 70 -16.73 8.98 -3.16
N ALA A 71 -16.83 10.27 -2.86
CA ALA A 71 -17.57 11.22 -3.71
C ALA A 71 -16.93 11.35 -5.08
N TRP A 72 -15.60 11.38 -5.12
CA TRP A 72 -14.84 11.45 -6.36
C TRP A 72 -15.08 10.22 -7.24
N PHE A 73 -15.02 9.03 -6.64
CA PHE A 73 -15.28 7.80 -7.39
C PHE A 73 -16.72 7.77 -7.90
N ALA A 74 -17.66 8.19 -7.07
CA ALA A 74 -19.09 8.21 -7.40
C ALA A 74 -19.41 9.14 -8.57
N ARG A 75 -18.75 10.30 -8.62
CA ARG A 75 -18.92 11.27 -9.71
C ARG A 75 -18.47 10.71 -11.05
N ALA A 76 -17.53 9.78 -11.00
CA ALA A 76 -17.02 9.08 -12.16
C ALA A 76 -17.79 7.78 -12.42
N GLY A 77 -18.85 7.54 -11.63
CA GLY A 77 -19.70 6.35 -11.78
C GLY A 77 -19.09 5.05 -11.30
N ARG A 78 -18.23 5.14 -10.29
CA ARG A 78 -17.51 3.98 -9.76
C ARG A 78 -17.86 3.78 -8.29
N GLU A 79 -18.24 2.56 -7.94
CA GLU A 79 -18.64 2.27 -6.56
C GLU A 79 -17.42 1.93 -5.69
N SER A 80 -17.53 2.24 -4.40
CA SER A 80 -16.47 1.90 -3.43
C SER A 80 -17.13 1.75 -2.07
N VAL A 81 -16.61 0.84 -1.25
CA VAL A 81 -17.10 0.72 0.12
C VAL A 81 -16.46 1.77 1.02
N PHE A 82 -15.37 2.39 0.56
CA PHE A 82 -14.73 3.44 1.35
C PHE A 82 -15.35 4.79 1.03
N THR A 83 -15.88 5.45 2.05
CA THR A 83 -16.63 6.70 1.84
C THR A 83 -15.74 7.94 1.75
N ARG A 84 -14.60 7.91 2.44
CA ARG A 84 -13.61 8.97 2.40
CA ARG A 84 -13.62 8.99 2.43
C ARG A 84 -12.31 8.42 2.96
N ALA A 85 -11.25 9.20 2.88
CA ALA A 85 -9.95 8.80 3.37
C ALA A 85 -9.45 9.85 4.34
N GLN A 86 -9.43 9.50 5.62
CA GLN A 86 -8.99 10.41 6.67
C GLN A 86 -7.63 9.99 7.20
N ILE A 87 -6.69 10.95 7.21
CA ILE A 87 -5.38 10.76 7.83
C ILE A 87 -5.31 11.58 9.11
N ASP A 88 -4.88 10.95 10.19
CA ASP A 88 -4.71 11.64 11.47
C ASP A 88 -3.24 11.64 11.82
N PHE A 89 -2.67 12.84 11.95
CA PHE A 89 -1.22 12.94 12.15
C PHE A 89 -0.87 14.06 13.13
N VAL A 90 0.40 14.10 13.50
CA VAL A 90 0.89 15.08 14.47
C VAL A 90 2.07 15.89 13.91
N ILE A 91 2.05 17.19 14.21
CA ILE A 91 3.20 18.05 14.02
C ILE A 91 3.78 18.39 15.41
N ASP A 97 10.70 19.14 8.86
CA ASP A 97 10.25 20.38 8.24
C ASP A 97 8.91 20.19 7.52
N HIS A 98 8.97 19.85 6.23
CA HIS A 98 7.78 19.74 5.40
C HIS A 98 7.08 18.40 5.60
N PHE A 99 5.76 18.44 5.66
CA PHE A 99 4.95 17.22 5.68
C PHE A 99 4.33 17.04 4.31
N HIS A 100 4.74 15.98 3.62
CA HIS A 100 4.10 15.58 2.37
C HIS A 100 3.41 14.26 2.65
N LEU A 101 2.08 14.26 2.59
CA LEU A 101 1.29 13.08 2.96
C LEU A 101 0.37 12.67 1.82
N PRO A 102 0.87 11.81 0.90
CA PRO A 102 0.08 11.39 -0.25
C PRO A 102 -1.03 10.41 0.10
N PHE A 103 -2.01 10.32 -0.80
CA PHE A 103 -3.06 9.31 -0.78
C PHE A 103 -2.92 8.46 -2.04
N LEU A 104 -2.71 7.17 -1.88
CA LEU A 104 -2.73 6.25 -3.02
C LEU A 104 -4.07 5.55 -2.97
N ILE A 105 -4.95 5.84 -3.93
CA ILE A 105 -6.34 5.42 -3.81
C ILE A 105 -6.82 4.48 -4.92
N ALA A 106 -7.84 3.70 -4.59
CA ALA A 106 -8.50 2.79 -5.51
C ALA A 106 -9.88 2.48 -4.94
N PRO A 107 -10.83 2.03 -5.78
CA PRO A 107 -12.13 1.71 -5.20
C PRO A 107 -12.05 0.65 -4.10
N GLY A 108 -11.08 -0.26 -4.17
CA GLY A 108 -10.99 -1.35 -3.21
C GLY A 108 -9.94 -1.22 -2.13
N GLY A 109 -9.36 -0.03 -1.98
CA GLY A 109 -8.35 0.16 -0.93
C GLY A 109 -7.61 1.46 -1.07
N TRP A 110 -6.96 1.88 0.00
CA TRP A 110 -6.16 3.09 -0.07
C TRP A 110 -5.04 3.07 0.94
N SER A 111 -4.04 3.91 0.71
CA SER A 111 -2.89 4.01 1.59
C SER A 111 -2.35 5.43 1.70
N THR A 112 -1.59 5.64 2.77
CA THR A 112 -0.86 6.88 2.93
C THR A 112 0.52 6.58 3.50
N TYR A 113 1.41 7.55 3.42
CA TYR A 113 2.74 7.44 3.99
C TYR A 113 3.31 8.84 4.15
N ARG A 114 4.40 8.95 4.91
CA ARG A 114 5.11 10.21 4.90
C ARG A 114 6.12 10.23 3.76
N GLY A 115 5.85 11.09 2.79
CA GLY A 115 6.68 11.20 1.59
C GLY A 115 7.77 12.25 1.74
N SER A 116 8.26 12.73 0.60
CA SER A 116 9.34 13.72 0.51
C SER A 116 10.70 13.10 0.81
N HIS B 8 -28.53 -4.12 2.34
CA HIS B 8 -28.03 -5.41 2.92
C HIS B 8 -27.35 -5.17 4.27
N MET B 9 -26.93 -6.26 4.91
CA MET B 9 -26.19 -6.22 6.16
C MET B 9 -25.04 -7.22 6.14
N SER B 10 -23.95 -6.90 6.84
CA SER B 10 -22.73 -7.71 6.81
C SER B 10 -22.03 -7.80 8.16
N THR B 11 -21.34 -8.91 8.39
CA THR B 11 -20.45 -9.03 9.55
C THR B 11 -19.12 -8.37 9.23
N LEU B 12 -18.29 -8.15 10.26
CA LEU B 12 -17.07 -7.37 10.11
C LEU B 12 -15.90 -8.02 10.84
N SER B 13 -14.75 -8.08 10.18
CA SER B 13 -13.53 -8.56 10.83
C SER B 13 -12.36 -7.68 10.45
N THR B 14 -11.26 -7.78 11.22
CA THR B 14 -10.04 -7.09 10.84
C THR B 14 -8.79 -7.89 11.23
N HIS B 15 -7.65 -7.44 10.72
CA HIS B 15 -6.37 -8.09 10.90
C HIS B 15 -5.35 -6.95 10.78
N ILE B 16 -4.46 -6.82 11.76
CA ILE B 16 -3.47 -5.77 11.73
C ILE B 16 -2.09 -6.38 11.68
N LEU B 17 -1.33 -5.98 10.66
CA LEU B 17 0.05 -6.44 10.49
C LEU B 17 0.98 -5.24 10.57
N ASP B 18 2.02 -5.37 11.39
CA ASP B 18 3.05 -4.36 11.43
C ASP B 18 4.07 -4.69 10.36
N ILE B 19 3.96 -4.01 9.23
CA ILE B 19 4.83 -4.31 8.12
C ILE B 19 6.24 -3.75 8.32
N SER B 20 6.43 -2.93 9.35
CA SER B 20 7.79 -2.48 9.66
C SER B 20 8.66 -3.64 10.19
N THR B 21 8.02 -4.62 10.83
CA THR B 21 8.72 -5.78 11.39
C THR B 21 8.28 -7.11 10.76
N GLY B 22 7.21 -7.09 9.98
CA GLY B 22 6.70 -8.29 9.34
C GLY B 22 5.98 -9.22 10.30
N THR B 23 5.40 -8.67 11.36
CA THR B 23 4.74 -9.46 12.39
C THR B 23 3.31 -8.97 12.63
N PRO B 24 2.40 -9.87 13.03
CA PRO B 24 1.06 -9.45 13.43
C PRO B 24 1.12 -8.51 14.62
N ALA B 25 0.24 -7.52 14.64
CA ALA B 25 0.22 -6.51 15.69
C ALA B 25 -0.75 -6.94 16.78
N GLU B 26 -0.19 -7.43 17.89
CA GLU B 26 -0.96 -7.92 19.03
C GLU B 26 -1.22 -6.80 20.03
N GLY B 27 -2.48 -6.67 20.46
CA GLY B 27 -2.81 -5.71 21.50
C GLY B 27 -3.19 -4.32 21.03
N VAL B 28 -3.55 -4.18 19.75
CA VAL B 28 -4.02 -2.90 19.23
C VAL B 28 -5.51 -2.78 19.54
N THR B 29 -5.89 -1.66 20.17
CA THR B 29 -7.30 -1.36 20.40
C THR B 29 -7.92 -0.88 19.09
N VAL B 30 -9.07 -1.47 18.75
CA VAL B 30 -9.80 -1.13 17.54
C VAL B 30 -11.27 -0.89 17.90
N SER B 31 -11.78 0.30 17.56
CA SER B 31 -13.17 0.65 17.87
C SER B 31 -14.02 0.71 16.60
N LEU B 32 -15.28 0.31 16.74
CA LEU B 32 -16.24 0.46 15.66
C LEU B 32 -17.30 1.46 16.09
N SER B 33 -17.57 2.44 15.23
CA SER B 33 -18.61 3.43 15.52
C SER B 33 -19.53 3.63 14.32
N ARG B 34 -20.73 4.15 14.59
CA ARG B 34 -21.73 4.46 13.58
C ARG B 34 -22.36 5.79 13.96
N GLU B 35 -22.26 6.76 13.05
CA GLU B 35 -22.73 8.13 13.30
C GLU B 35 -22.21 8.73 14.62
N GLY B 36 -20.97 8.39 14.96
CA GLY B 36 -20.30 8.93 16.15
C GLY B 36 -20.58 8.20 17.45
N GLU B 37 -21.39 7.14 17.40
CA GLU B 37 -21.69 6.35 18.59
C GLU B 37 -20.86 5.07 18.56
N THR B 38 -20.11 4.80 19.63
CA THR B 38 -19.29 3.58 19.65
C THR B 38 -20.13 2.33 19.80
N LEU B 39 -19.88 1.35 18.94
CA LEU B 39 -20.61 0.08 18.93
C LEU B 39 -19.83 -1.04 19.57
N ALA B 40 -18.51 -0.94 19.49
CA ALA B 40 -17.59 -1.97 19.98
C ALA B 40 -16.21 -1.37 20.15
N ASN B 41 -15.51 -1.82 21.19
CA ASN B 41 -14.12 -1.45 21.44
C ASN B 41 -13.36 -2.72 21.82
N LEU B 42 -12.58 -3.23 20.88
CA LEU B 42 -11.97 -4.54 21.03
C LEU B 42 -10.45 -4.47 20.88
N VAL B 43 -9.77 -5.61 21.05
CA VAL B 43 -8.30 -5.63 21.04
C VAL B 43 -7.80 -6.80 20.18
N THR B 44 -6.86 -6.53 19.29
CA THR B 44 -6.33 -7.60 18.42
C THR B 44 -5.63 -8.69 19.24
N ASN B 45 -5.81 -9.93 18.82
CA ASN B 45 -5.17 -11.06 19.48
C ASN B 45 -3.72 -11.28 19.04
N ALA B 46 -3.14 -12.42 19.42
CA ALA B 46 -1.74 -12.73 19.10
C ALA B 46 -1.49 -12.86 17.59
N GLN B 47 -2.54 -13.18 16.83
CA GLN B 47 -2.46 -13.23 15.36
C GLN B 47 -2.79 -11.87 14.71
N GLY B 48 -2.94 -10.83 15.52
CA GLY B 48 -3.28 -9.49 15.05
C GLY B 48 -4.73 -9.37 14.59
N ARG B 49 -5.56 -10.29 15.03
CA ARG B 49 -6.93 -10.38 14.50
C ARG B 49 -8.05 -10.04 15.47
N ILE B 50 -9.15 -9.55 14.89
CA ILE B 50 -10.45 -9.48 15.56
C ILE B 50 -11.46 -10.15 14.62
N ALA B 51 -11.94 -11.31 15.02
CA ALA B 51 -12.73 -12.18 14.13
C ALA B 51 -14.14 -11.67 13.88
N THR B 52 -14.71 -10.96 14.86
CA THR B 52 -16.06 -10.43 14.73
C THR B 52 -16.24 -9.20 15.63
N PHE B 53 -17.01 -8.23 15.16
CA PHE B 53 -17.34 -7.04 15.96
C PHE B 53 -18.76 -7.09 16.50
N SER B 54 -19.54 -8.09 16.09
CA SER B 54 -20.96 -8.17 16.46
C SER B 54 -21.49 -9.59 16.28
N ALA B 55 -22.42 -9.97 17.16
CA ALA B 55 -23.09 -11.28 17.05
C ALA B 55 -23.92 -11.35 15.78
N ALA B 56 -24.67 -10.28 15.51
CA ALA B 56 -25.52 -10.20 14.32
C ALA B 56 -24.82 -9.38 13.24
N PRO B 57 -25.15 -9.63 11.94
CA PRO B 57 -24.64 -8.76 10.91
C PRO B 57 -24.99 -7.29 11.18
N LEU B 58 -24.09 -6.38 10.84
CA LEU B 58 -24.31 -4.95 11.06
C LEU B 58 -25.30 -4.42 10.04
N PRO B 59 -26.27 -3.59 10.47
CA PRO B 59 -27.24 -3.05 9.51
C PRO B 59 -26.60 -2.06 8.54
N ALA B 60 -27.27 -1.83 7.41
CA ALA B 60 -26.84 -0.81 6.46
C ALA B 60 -26.63 0.54 7.15
N GLY B 61 -25.56 1.22 6.76
CA GLY B 61 -25.22 2.52 7.32
C GLY B 61 -23.76 2.87 7.11
N ARG B 62 -23.36 4.03 7.62
CA ARG B 62 -21.98 4.51 7.55
C ARG B 62 -21.22 4.19 8.84
N TYR B 63 -20.06 3.56 8.68
CA TYR B 63 -19.29 3.08 9.82
C TYR B 63 -17.86 3.61 9.81
N CYS B 64 -17.29 3.62 11.01
CA CYS B 64 -15.89 3.99 11.21
CA CYS B 64 -15.90 3.99 11.20
C CYS B 64 -15.21 2.91 12.02
N LEU B 65 -14.11 2.39 11.50
CA LEU B 65 -13.29 1.41 12.21
C LEU B 65 -11.98 2.12 12.52
N THR B 66 -11.64 2.27 13.79
CA THR B 66 -10.47 3.06 14.17
C THR B 66 -9.50 2.22 14.97
N ALA B 67 -8.29 2.03 14.45
CA ALA B 67 -7.25 1.33 15.18
C ALA B 67 -6.34 2.35 15.87
N GLU B 68 -6.08 2.13 17.16
CA GLU B 68 -5.26 3.07 17.91
C GLU B 68 -3.78 2.76 17.73
N THR B 69 -3.29 3.03 16.53
CA THR B 69 -1.95 2.62 16.12
C THR B 69 -0.87 3.45 16.78
N GLY B 70 -1.09 4.76 16.88
CA GLY B 70 -0.14 5.66 17.53
C GLY B 70 0.14 5.26 18.97
N ALA B 71 -0.92 4.98 19.72
CA ALA B 71 -0.77 4.53 21.12
C ALA B 71 -0.07 3.19 21.22
N TRP B 72 -0.35 2.30 20.26
CA TRP B 72 0.28 0.99 20.21
C TRP B 72 1.79 1.11 19.95
N PHE B 73 2.18 1.94 19.00
CA PHE B 73 3.61 2.18 18.75
C PHE B 73 4.28 2.79 19.98
N ALA B 74 3.60 3.76 20.60
CA ALA B 74 4.13 4.47 21.76
C ALA B 74 4.39 3.53 22.96
N ARG B 75 3.48 2.58 23.21
CA ARG B 75 3.69 1.60 24.29
C ARG B 75 4.93 0.75 24.05
N ALA B 76 5.28 0.56 22.77
CA ALA B 76 6.49 -0.19 22.41
C ALA B 76 7.73 0.69 22.33
N GLY B 77 7.60 1.96 22.70
CA GLY B 77 8.73 2.90 22.70
C GLY B 77 9.06 3.46 21.32
N ARG B 78 8.08 3.45 20.42
CA ARG B 78 8.30 3.84 19.02
C ARG B 78 7.46 5.05 18.65
N GLU B 79 8.04 5.96 17.86
CA GLU B 79 7.35 7.17 17.41
C GLU B 79 6.62 6.91 16.10
N SER B 80 5.54 7.66 15.88
CA SER B 80 4.83 7.63 14.59
C SER B 80 4.24 9.00 14.30
N VAL B 81 4.26 9.38 13.02
CA VAL B 81 3.62 10.61 12.60
C VAL B 81 2.09 10.45 12.62
N PHE B 82 1.62 9.21 12.42
CA PHE B 82 0.19 8.93 12.41
C PHE B 82 -0.29 8.59 13.82
N THR B 83 -1.31 9.32 14.28
CA THR B 83 -1.79 9.19 15.65
C THR B 83 -2.77 8.02 15.82
N ARG B 84 -3.46 7.66 14.75
CA ARG B 84 -4.41 6.53 14.74
C ARG B 84 -4.70 6.26 13.28
N ALA B 85 -5.44 5.19 13.02
CA ALA B 85 -5.81 4.82 11.66
C ALA B 85 -7.31 4.62 11.61
N GLN B 86 -7.99 5.49 10.88
CA GLN B 86 -9.44 5.44 10.78
C GLN B 86 -9.86 5.02 9.37
N ILE B 87 -10.71 3.98 9.29
CA ILE B 87 -11.31 3.56 8.02
C ILE B 87 -12.77 3.99 8.01
N ASP B 88 -13.16 4.76 6.99
CA ASP B 88 -14.54 5.18 6.83
C ASP B 88 -15.17 4.35 5.72
N PHE B 89 -16.21 3.61 6.04
CA PHE B 89 -16.82 2.71 5.05
C PHE B 89 -18.34 2.69 5.14
N VAL B 90 -18.97 2.10 4.12
CA VAL B 90 -20.42 2.00 4.10
C VAL B 90 -20.85 0.54 3.89
N ILE B 91 -21.84 0.12 4.68
CA ILE B 91 -22.48 -1.17 4.53
C ILE B 91 -23.87 -0.97 3.92
N GLY B 92 -24.26 -1.90 3.05
CA GLY B 92 -25.64 -1.95 2.53
C GLY B 92 -25.68 -1.65 1.05
N GLU B 96 -22.87 -8.57 -0.31
CA GLU B 96 -21.71 -9.20 0.32
C GLU B 96 -21.99 -9.44 1.80
N ASP B 97 -21.80 -10.68 2.25
CA ASP B 97 -22.14 -11.09 3.62
C ASP B 97 -21.09 -10.71 4.66
N HIS B 98 -19.84 -10.51 4.22
CA HIS B 98 -18.77 -10.20 5.17
C HIS B 98 -17.81 -9.12 4.67
N PHE B 99 -17.44 -8.21 5.58
CA PHE B 99 -16.43 -7.21 5.32
C PHE B 99 -15.21 -7.59 6.14
N HIS B 100 -14.07 -7.76 5.46
CA HIS B 100 -12.79 -7.93 6.15
C HIS B 100 -11.95 -6.74 5.76
N LEU B 101 -11.61 -5.90 6.73
CA LEU B 101 -10.95 -4.64 6.46
C LEU B 101 -9.67 -4.52 7.26
N PRO B 102 -8.56 -5.06 6.73
CA PRO B 102 -7.27 -5.08 7.45
C PRO B 102 -6.59 -3.72 7.53
N PHE B 103 -5.67 -3.59 8.48
CA PHE B 103 -4.79 -2.44 8.56
C PHE B 103 -3.36 -2.95 8.38
N LEU B 104 -2.65 -2.45 7.37
CA LEU B 104 -1.23 -2.76 7.23
C LEU B 104 -0.47 -1.53 7.69
N ILE B 105 0.23 -1.64 8.82
CA ILE B 105 0.73 -0.45 9.51
C ILE B 105 2.25 -0.40 9.66
N ALA B 106 2.75 0.82 9.80
CA ALA B 106 4.17 1.10 10.05
C ALA B 106 4.24 2.50 10.60
N PRO B 107 5.33 2.84 11.32
CA PRO B 107 5.44 4.18 11.83
C PRO B 107 5.34 5.26 10.74
N GLY B 108 5.80 4.94 9.54
CA GLY B 108 5.81 5.92 8.47
C GLY B 108 4.72 5.83 7.42
N GLY B 109 3.72 4.99 7.66
CA GLY B 109 2.61 4.88 6.71
C GLY B 109 1.68 3.72 7.05
N TRP B 110 0.50 3.74 6.44
CA TRP B 110 -0.44 2.64 6.65
C TRP B 110 -1.42 2.51 5.50
N SER B 111 -2.04 1.35 5.39
CA SER B 111 -3.00 1.14 4.33
C SER B 111 -4.09 0.19 4.74
N THR B 112 -5.14 0.17 3.95
CA THR B 112 -6.25 -0.73 4.14
C THR B 112 -6.76 -1.17 2.78
N TYR B 113 -7.53 -2.26 2.78
CA TYR B 113 -8.16 -2.70 1.54
C TYR B 113 -9.37 -3.53 1.91
N ARG B 114 -10.22 -3.76 0.92
CA ARG B 114 -11.37 -4.61 1.09
C ARG B 114 -10.91 -6.06 0.90
N GLY B 115 -10.82 -6.78 2.01
CA GLY B 115 -10.31 -8.14 2.01
C GLY B 115 -11.34 -9.14 1.52
N MET C 9 12.91 -24.81 7.43
CA MET C 9 11.81 -25.38 6.58
C MET C 9 10.49 -24.67 6.84
N SER C 10 9.73 -24.42 5.77
CA SER C 10 8.46 -23.69 5.87
C SER C 10 7.53 -23.98 4.69
N THR C 11 6.23 -23.78 4.91
CA THR C 11 5.25 -23.84 3.82
C THR C 11 4.95 -22.43 3.31
N LEU C 12 4.31 -22.36 2.15
CA LEU C 12 4.07 -21.08 1.48
C LEU C 12 2.66 -21.02 0.92
N SER C 13 1.99 -19.89 1.16
CA SER C 13 0.68 -19.64 0.60
C SER C 13 0.61 -18.22 0.05
N THR C 14 -0.40 -17.95 -0.76
CA THR C 14 -0.64 -16.56 -1.21
C THR C 14 -2.14 -16.27 -1.32
N HIS C 15 -2.45 -15.00 -1.51
CA HIS C 15 -3.80 -14.51 -1.64
C HIS C 15 -3.66 -13.29 -2.53
N ILE C 16 -4.44 -13.24 -3.61
CA ILE C 16 -4.37 -12.13 -4.55
C ILE C 16 -5.70 -11.38 -4.55
N LEU C 17 -5.64 -10.10 -4.24
CA LEU C 17 -6.83 -9.25 -4.26
C LEU C 17 -6.63 -8.17 -5.28
N ASP C 18 -7.63 -7.97 -6.14
CA ASP C 18 -7.60 -6.87 -7.07
C ASP C 18 -8.21 -5.66 -6.37
N ILE C 19 -7.36 -4.77 -5.88
CA ILE C 19 -7.83 -3.62 -5.12
C ILE C 19 -8.45 -2.55 -6.01
N SER C 20 -8.28 -2.66 -7.32
CA SER C 20 -8.94 -1.72 -8.22
C SER C 20 -10.45 -1.93 -8.22
N THR C 21 -10.89 -3.15 -7.93
CA THR C 21 -12.33 -3.48 -7.89
C THR C 21 -12.81 -3.96 -6.51
N GLY C 22 -11.86 -4.23 -5.61
CA GLY C 22 -12.18 -4.75 -4.29
C GLY C 22 -12.68 -6.18 -4.27
N THR C 23 -12.14 -7.01 -5.16
CA THR C 23 -12.55 -8.41 -5.27
C THR C 23 -11.33 -9.33 -5.30
N PRO C 24 -11.47 -10.58 -4.83
CA PRO C 24 -10.37 -11.54 -4.98
C PRO C 24 -10.10 -11.81 -6.45
N ALA C 25 -8.83 -11.96 -6.80
CA ALA C 25 -8.41 -12.21 -8.17
C ALA C 25 -8.38 -13.70 -8.45
N GLU C 26 -9.40 -14.16 -9.18
CA GLU C 26 -9.58 -15.57 -9.50
C GLU C 26 -8.90 -15.88 -10.83
N GLY C 27 -8.14 -16.98 -10.86
CA GLY C 27 -7.52 -17.45 -12.10
C GLY C 27 -6.20 -16.79 -12.49
N VAL C 28 -5.48 -16.24 -11.51
CA VAL C 28 -4.14 -15.70 -11.78
C VAL C 28 -3.15 -16.85 -11.67
N THR C 29 -2.29 -17.00 -12.67
CA THR C 29 -1.21 -18.00 -12.61
C THR C 29 -0.09 -17.51 -11.70
N VAL C 30 0.34 -18.37 -10.77
CA VAL C 30 1.44 -18.03 -9.88
C VAL C 30 2.44 -19.19 -9.87
N SER C 31 3.71 -18.88 -10.15
CA SER C 31 4.76 -19.90 -10.16
C SER C 31 5.72 -19.69 -9.00
N LEU C 32 6.30 -20.77 -8.51
CA LEU C 32 7.38 -20.69 -7.52
C LEU C 32 8.63 -21.31 -8.12
N SER C 33 9.75 -20.63 -7.97
CA SER C 33 11.04 -21.16 -8.42
C SER C 33 12.13 -20.92 -7.37
N ARG C 34 13.21 -21.68 -7.53
CA ARG C 34 14.40 -21.54 -6.69
C ARG C 34 15.59 -21.85 -7.57
N GLU C 35 16.50 -20.87 -7.70
CA GLU C 35 17.69 -20.98 -8.57
C GLU C 35 17.33 -21.28 -10.03
N GLY C 36 16.30 -20.61 -10.52
CA GLY C 36 15.84 -20.82 -11.90
C GLY C 36 15.06 -22.11 -12.12
N GLU C 37 15.11 -23.02 -11.15
CA GLU C 37 14.36 -24.27 -11.21
C GLU C 37 12.96 -24.05 -10.66
N THR C 38 11.94 -24.28 -11.49
CA THR C 38 10.56 -24.08 -11.05
C THR C 38 10.03 -25.26 -10.24
N LEU C 39 9.29 -24.92 -9.18
CA LEU C 39 8.85 -25.88 -8.16
C LEU C 39 7.34 -26.04 -8.13
N ALA C 40 6.64 -25.04 -8.68
CA ALA C 40 5.18 -25.02 -8.69
C ALA C 40 4.67 -24.06 -9.75
N ASN C 41 3.54 -24.43 -10.35
CA ASN C 41 2.81 -23.54 -11.24
C ASN C 41 1.33 -23.74 -10.99
N LEU C 42 0.73 -22.80 -10.26
CA LEU C 42 -0.62 -22.96 -9.75
C LEU C 42 -1.50 -21.77 -10.17
N VAL C 43 -2.80 -21.88 -9.88
CA VAL C 43 -3.77 -20.86 -10.27
C VAL C 43 -4.64 -20.50 -9.06
N THR C 44 -4.85 -19.21 -8.83
CA THR C 44 -5.66 -18.76 -7.69
C THR C 44 -7.10 -19.21 -7.88
N ASN C 45 -7.73 -19.59 -6.77
CA ASN C 45 -9.12 -20.03 -6.80
C ASN C 45 -10.10 -18.85 -6.72
N ALA C 46 -11.39 -19.17 -6.55
CA ALA C 46 -12.45 -18.17 -6.46
C ALA C 46 -12.24 -17.13 -5.35
N GLN C 47 -11.54 -17.53 -4.29
CA GLN C 47 -11.22 -16.61 -3.20
C GLN C 47 -9.85 -15.93 -3.36
N GLY C 48 -9.25 -16.08 -4.55
CA GLY C 48 -7.96 -15.46 -4.86
C GLY C 48 -6.79 -16.15 -4.18
N ARG C 49 -7.01 -17.39 -3.74
CA ARG C 49 -6.02 -18.06 -2.87
C ARG C 49 -5.32 -19.26 -3.48
N ILE C 50 -4.08 -19.47 -3.04
CA ILE C 50 -3.36 -20.73 -3.24
C ILE C 50 -2.83 -21.14 -1.86
N ALA C 51 -3.33 -22.25 -1.33
CA ALA C 51 -3.10 -22.62 0.07
C ALA C 51 -1.72 -23.19 0.35
N THR C 52 -1.14 -23.84 -0.66
CA THR C 52 0.21 -24.41 -0.55
C THR C 52 0.88 -24.50 -1.91
N PHE C 53 2.20 -24.30 -1.92
CA PHE C 53 3.00 -24.40 -3.14
C PHE C 53 3.87 -25.66 -3.20
N SER C 54 3.77 -26.49 -2.16
CA SER C 54 4.61 -27.68 -2.09
C SER C 54 3.97 -28.78 -1.25
N ALA C 55 4.30 -30.04 -1.58
CA ALA C 55 3.79 -31.18 -0.82
C ALA C 55 4.48 -31.30 0.55
N ALA C 56 5.77 -30.96 0.57
CA ALA C 56 6.58 -31.04 1.79
C ALA C 56 7.09 -29.64 2.13
N PRO C 57 7.62 -29.44 3.35
CA PRO C 57 8.16 -28.11 3.67
C PRO C 57 9.30 -27.69 2.74
N LEU C 58 9.33 -26.41 2.38
CA LEU C 58 10.39 -25.88 1.53
C LEU C 58 11.66 -25.71 2.35
N PRO C 59 12.80 -26.21 1.81
CA PRO C 59 14.09 -26.06 2.49
C PRO C 59 14.57 -24.60 2.48
N ALA C 60 15.50 -24.28 3.37
CA ALA C 60 16.13 -22.97 3.38
C ALA C 60 16.72 -22.64 2.01
N GLY C 61 16.57 -21.38 1.59
CA GLY C 61 17.07 -20.96 0.29
C GLY C 61 16.38 -19.70 -0.19
N ARG C 62 16.75 -19.26 -1.39
CA ARG C 62 16.17 -18.06 -1.98
C ARG C 62 15.14 -18.44 -3.04
N TYR C 63 13.96 -17.84 -2.91
CA TYR C 63 12.82 -18.23 -3.72
C TYR C 63 12.25 -17.03 -4.46
N CYS C 64 11.53 -17.35 -5.53
CA CYS C 64 10.91 -16.36 -6.39
C CYS C 64 9.46 -16.79 -6.64
N LEU C 65 8.53 -15.98 -6.15
CA LEU C 65 7.10 -16.22 -6.34
C LEU C 65 6.60 -15.20 -7.36
N THR C 66 6.10 -15.69 -8.50
CA THR C 66 5.72 -14.78 -9.58
C THR C 66 4.26 -14.93 -9.96
N ALA C 67 3.51 -13.83 -9.84
CA ALA C 67 2.11 -13.80 -10.26
C ALA C 67 2.01 -13.16 -11.64
N GLU C 68 1.31 -13.81 -12.56
CA GLU C 68 1.19 -13.32 -13.93
C GLU C 68 0.04 -12.30 -14.01
N THR C 69 0.25 -11.16 -13.37
CA THR C 69 -0.79 -10.14 -13.22
C THR C 69 -1.12 -9.45 -14.54
N GLY C 70 -0.09 -9.13 -15.34
CA GLY C 70 -0.31 -8.45 -16.62
C GLY C 70 -1.16 -9.27 -17.57
N ALA C 71 -0.86 -10.57 -17.66
CA ALA C 71 -1.64 -11.50 -18.48
C ALA C 71 -3.09 -11.61 -17.98
N TRP C 72 -3.24 -11.63 -16.66
CA TRP C 72 -4.56 -11.70 -16.04
C TRP C 72 -5.41 -10.49 -16.38
N PHE C 73 -4.84 -9.28 -16.21
CA PHE C 73 -5.53 -8.04 -16.59
C PHE C 73 -5.87 -8.04 -18.09
N ALA C 74 -4.92 -8.47 -18.93
CA ALA C 74 -5.13 -8.50 -20.38
C ALA C 74 -6.30 -9.39 -20.82
N ARG C 75 -6.43 -10.56 -20.19
CA ARG C 75 -7.54 -11.48 -20.48
C ARG C 75 -8.90 -10.84 -20.16
N ALA C 76 -8.90 -9.92 -19.21
CA ALA C 76 -10.12 -9.20 -18.82
C ALA C 76 -10.34 -7.92 -19.63
N GLY C 77 -9.47 -7.65 -20.60
CA GLY C 77 -9.57 -6.47 -21.45
C GLY C 77 -8.96 -5.20 -20.87
N ARG C 78 -8.10 -5.37 -19.87
CA ARG C 78 -7.53 -4.26 -19.12
C ARG C 78 -6.03 -4.13 -19.33
N GLU C 79 -5.56 -2.89 -19.45
CA GLU C 79 -4.15 -2.59 -19.64
C GLU C 79 -3.47 -2.44 -18.30
N SER C 80 -2.19 -2.77 -18.24
CA SER C 80 -1.37 -2.41 -17.10
C SER C 80 0.06 -2.12 -17.54
N VAL C 81 0.70 -1.15 -16.90
CA VAL C 81 2.12 -0.90 -17.13
C VAL C 81 2.98 -2.01 -16.52
N PHE C 82 2.45 -2.71 -15.51
CA PHE C 82 3.18 -3.81 -14.88
C PHE C 82 2.90 -5.14 -15.56
N THR C 83 3.94 -5.82 -16.00
CA THR C 83 3.76 -7.01 -16.83
C THR C 83 3.54 -8.29 -16.01
N ARG C 84 4.06 -8.28 -14.79
CA ARG C 84 3.94 -9.38 -13.83
CA ARG C 84 3.95 -9.39 -13.84
C ARG C 84 4.35 -8.85 -12.47
N ALA C 85 4.16 -9.66 -11.44
CA ALA C 85 4.55 -9.27 -10.09
C ALA C 85 5.43 -10.36 -9.52
N GLN C 86 6.70 -10.04 -9.28
CA GLN C 86 7.66 -11.03 -8.79
C GLN C 86 8.10 -10.65 -7.37
N ILE C 87 7.94 -11.61 -6.45
CA ILE C 87 8.38 -11.45 -5.05
C ILE C 87 9.63 -12.33 -4.87
N ASP C 88 10.71 -11.71 -4.40
CA ASP C 88 11.94 -12.44 -4.13
C ASP C 88 12.13 -12.48 -2.62
N PHE C 89 12.20 -13.68 -2.07
CA PHE C 89 12.27 -13.83 -0.63
C PHE C 89 13.22 -14.95 -0.21
N VAL C 90 13.51 -15.00 1.07
CA VAL C 90 14.43 -16.00 1.60
C VAL C 90 13.79 -16.78 2.74
N ILE C 91 13.93 -18.09 2.69
CA ILE C 91 13.61 -18.95 3.83
C ILE C 91 14.92 -19.23 4.57
N GLY C 92 14.98 -18.78 5.82
CA GLY C 92 16.18 -18.87 6.64
C GLY C 92 16.25 -20.17 7.43
N GLU C 96 10.01 -19.37 9.93
CA GLU C 96 8.90 -19.77 10.78
C GLU C 96 8.25 -21.05 10.27
N ASP C 97 7.05 -21.35 10.76
CA ASP C 97 6.27 -22.47 10.26
C ASP C 97 5.76 -22.21 8.86
N HIS C 98 5.33 -20.96 8.62
CA HIS C 98 4.59 -20.63 7.40
C HIS C 98 4.91 -19.24 6.86
N PHE C 99 4.99 -19.12 5.54
CA PHE C 99 5.10 -17.85 4.86
C PHE C 99 3.83 -17.60 4.06
N HIS C 100 3.12 -16.54 4.41
CA HIS C 100 1.95 -16.10 3.65
C HIS C 100 2.33 -14.78 3.01
N LEU C 101 2.38 -14.76 1.69
CA LEU C 101 2.88 -13.60 0.94
C LEU C 101 1.87 -13.17 -0.10
N PRO C 102 0.93 -12.30 0.30
CA PRO C 102 -0.15 -11.86 -0.59
C PRO C 102 0.32 -10.89 -1.68
N PHE C 103 -0.50 -10.77 -2.73
CA PHE C 103 -0.30 -9.74 -3.76
C PHE C 103 -1.54 -8.86 -3.74
N LEU C 104 -1.36 -7.58 -3.49
CA LEU C 104 -2.48 -6.64 -3.61
C LEU C 104 -2.26 -5.90 -4.92
N ILE C 105 -3.12 -6.14 -5.89
CA ILE C 105 -2.85 -5.71 -7.26
C ILE C 105 -3.87 -4.73 -7.83
N ALA C 106 -3.40 -3.95 -8.82
CA ALA C 106 -4.22 -3.01 -9.59
C ALA C 106 -3.46 -2.68 -10.87
N PRO C 107 -4.16 -2.23 -11.92
CA PRO C 107 -3.44 -1.88 -13.13
C PRO C 107 -2.32 -0.86 -12.93
N GLY C 108 -2.47 0.03 -11.95
CA GLY C 108 -1.49 1.08 -11.73
C GLY C 108 -0.55 0.88 -10.55
N GLY C 109 -0.56 -0.30 -9.96
CA GLY C 109 0.37 -0.57 -8.87
C GLY C 109 0.09 -1.87 -8.15
N TRP C 110 1.08 -2.32 -7.39
CA TRP C 110 0.89 -3.53 -6.61
C TRP C 110 1.79 -3.55 -5.39
N SER C 111 1.43 -4.38 -4.42
CA SER C 111 2.21 -4.51 -3.21
C SER C 111 2.18 -5.91 -2.65
N THR C 112 3.11 -6.18 -1.75
CA THR C 112 3.16 -7.42 -1.02
C THR C 112 3.60 -7.15 0.40
N TYR C 113 3.36 -8.12 1.28
CA TYR C 113 3.79 -8.02 2.66
C TYR C 113 3.90 -9.43 3.23
N ARG C 114 4.60 -9.56 4.35
CA ARG C 114 4.59 -10.84 5.06
C ARG C 114 3.36 -10.89 5.95
N GLY C 115 2.38 -11.69 5.53
CA GLY C 115 1.11 -11.77 6.22
C GLY C 115 1.14 -12.83 7.30
N SER C 116 -0.04 -13.26 7.73
CA SER C 116 -0.16 -14.30 8.74
C SER C 116 -1.50 -15.02 8.65
N SER D 10 10.92 7.41 -24.06
CA SER D 10 10.47 7.79 -22.69
C SER D 10 11.64 7.98 -21.73
N THR D 11 11.36 8.59 -20.58
CA THR D 11 12.34 8.75 -19.51
C THR D 11 11.87 8.01 -18.27
N LEU D 12 12.79 7.73 -17.36
CA LEU D 12 12.47 6.92 -16.18
C LEU D 12 13.12 7.46 -14.91
N SER D 13 12.33 7.53 -13.84
CA SER D 13 12.82 7.97 -12.55
C SER D 13 12.22 7.10 -11.45
N THR D 14 12.85 7.15 -10.28
CA THR D 14 12.28 6.50 -9.11
C THR D 14 12.49 7.32 -7.86
N HIS D 15 11.84 6.86 -6.79
CA HIS D 15 11.87 7.50 -5.50
C HIS D 15 11.64 6.36 -4.51
N ILE D 16 12.54 6.20 -3.55
CA ILE D 16 12.40 5.12 -2.57
C ILE D 16 12.22 5.71 -1.18
N LEU D 17 11.12 5.31 -0.56
CA LEU D 17 10.74 5.75 0.77
C LEU D 17 10.73 4.55 1.71
N ASP D 18 11.45 4.66 2.82
CA ASP D 18 11.41 3.64 3.84
C ASP D 18 10.23 3.95 4.75
N ILE D 19 9.12 3.24 4.54
CA ILE D 19 7.90 3.55 5.29
C ILE D 19 7.95 3.02 6.73
N SER D 20 8.95 2.19 7.05
CA SER D 20 9.14 1.77 8.44
C SER D 20 9.62 2.92 9.33
N THR D 21 10.23 3.93 8.72
CA THR D 21 10.71 5.09 9.48
C THR D 21 10.11 6.41 9.00
N GLY D 22 9.47 6.40 7.83
CA GLY D 22 8.90 7.60 7.26
C GLY D 22 9.95 8.55 6.71
N THR D 23 11.03 7.99 6.17
CA THR D 23 12.12 8.80 5.63
C THR D 23 12.55 8.30 4.25
N PRO D 24 13.16 9.18 3.43
CA PRO D 24 13.64 8.70 2.13
C PRO D 24 14.82 7.75 2.32
N ALA D 25 14.89 6.75 1.44
CA ALA D 25 15.91 5.70 1.53
C ALA D 25 17.11 6.13 0.73
N GLU D 26 18.15 6.60 1.42
CA GLU D 26 19.38 7.07 0.78
C GLU D 26 20.37 5.91 0.65
N GLY D 27 20.97 5.77 -0.53
CA GLY D 27 22.01 4.77 -0.72
C GLY D 27 21.55 3.40 -1.19
N VAL D 28 20.35 3.34 -1.76
CA VAL D 28 19.83 2.09 -2.32
C VAL D 28 20.32 1.96 -3.75
N THR D 29 20.95 0.83 -4.06
CA THR D 29 21.33 0.53 -5.43
C THR D 29 20.11 0.08 -6.23
N VAL D 30 19.93 0.67 -7.40
CA VAL D 30 18.84 0.31 -8.31
C VAL D 30 19.40 0.04 -9.71
N SER D 31 19.04 -1.12 -10.26
CA SER D 31 19.52 -1.54 -11.58
C SER D 31 18.40 -1.54 -12.61
N LEU D 32 18.68 -1.00 -13.79
CA LEU D 32 17.73 -1.07 -14.89
C LEU D 32 18.21 -2.07 -15.92
N SER D 33 17.33 -2.97 -16.35
CA SER D 33 17.66 -3.91 -17.42
C SER D 33 16.54 -4.05 -18.44
N ARG D 34 16.90 -4.53 -19.62
CA ARG D 34 15.93 -4.83 -20.68
C ARG D 34 16.31 -6.17 -21.28
N GLU D 35 15.39 -7.13 -21.20
CA GLU D 35 15.62 -8.51 -21.65
C GLU D 35 16.90 -9.11 -21.06
N GLY D 36 17.15 -8.86 -19.78
CA GLY D 36 18.27 -9.45 -19.06
C GLY D 36 19.58 -8.68 -19.17
N GLU D 37 19.62 -7.68 -20.05
CA GLU D 37 20.84 -6.88 -20.28
C GLU D 37 20.79 -5.58 -19.46
N THR D 38 21.81 -5.32 -18.65
CA THR D 38 21.72 -4.11 -17.81
C THR D 38 22.05 -2.83 -18.54
N LEU D 39 21.22 -1.83 -18.29
CA LEU D 39 21.27 -0.54 -18.95
C LEU D 39 21.80 0.52 -18.02
N ALA D 40 21.59 0.32 -16.71
CA ALA D 40 22.02 1.29 -15.71
C ALA D 40 22.11 0.68 -14.31
N ASN D 41 23.03 1.20 -13.52
CA ASN D 41 23.17 0.85 -12.10
C ASN D 41 23.45 2.15 -11.38
N LEU D 42 22.52 2.58 -10.54
CA LEU D 42 22.57 3.89 -9.89
C LEU D 42 22.18 3.79 -8.42
N VAL D 43 22.42 4.85 -7.67
CA VAL D 43 22.20 4.85 -6.22
C VAL D 43 21.30 6.03 -5.82
N THR D 44 20.27 5.76 -5.01
CA THR D 44 19.38 6.83 -4.57
C THR D 44 20.13 7.88 -3.77
N ASN D 45 19.75 9.14 -3.97
CA ASN D 45 20.39 10.26 -3.26
C ASN D 45 19.78 10.50 -1.88
N ALA D 46 20.14 11.62 -1.24
CA ALA D 46 19.63 11.94 0.09
C ALA D 46 18.09 12.09 0.16
N GLN D 47 17.48 12.42 -0.97
CA GLN D 47 16.02 12.52 -1.06
C GLN D 47 15.38 11.18 -1.49
N GLY D 48 16.21 10.14 -1.56
CA GLY D 48 15.77 8.79 -1.95
C GLY D 48 15.47 8.68 -3.43
N ARG D 49 16.02 9.62 -4.21
CA ARG D 49 15.62 9.74 -5.62
C ARG D 49 16.70 9.36 -6.60
N ILE D 50 16.26 8.89 -7.77
CA ILE D 50 17.08 8.79 -8.96
C ILE D 50 16.29 9.47 -10.08
N ALA D 51 16.80 10.62 -10.54
CA ALA D 51 16.06 11.50 -11.45
C ALA D 51 15.95 10.94 -12.87
N THR D 52 16.98 10.21 -13.29
CA THR D 52 17.01 9.64 -14.63
C THR D 52 17.91 8.40 -14.71
N PHE D 53 17.43 7.37 -15.41
CA PHE D 53 18.21 6.14 -15.55
C PHE D 53 19.00 6.07 -16.85
N SER D 54 18.72 6.99 -17.76
CA SER D 54 19.39 7.00 -19.05
C SER D 54 19.50 8.42 -19.62
N ALA D 55 20.71 8.78 -20.04
CA ALA D 55 20.97 10.07 -20.69
C ALA D 55 20.17 10.20 -21.98
N ALA D 56 20.00 9.07 -22.66
CA ALA D 56 19.19 8.99 -23.87
C ALA D 56 17.79 8.49 -23.52
N PRO D 57 16.76 8.94 -24.26
CA PRO D 57 15.41 8.40 -24.04
C PRO D 57 15.32 6.91 -24.34
N LEU D 58 14.43 6.21 -23.62
CA LEU D 58 14.29 4.76 -23.73
C LEU D 58 13.26 4.35 -24.79
N PRO D 59 13.63 3.38 -25.66
CA PRO D 59 12.68 2.88 -26.67
C PRO D 59 11.63 1.94 -26.10
N ALA D 60 10.61 1.61 -26.89
CA ALA D 60 9.58 0.66 -26.47
C ALA D 60 10.18 -0.71 -26.18
N GLY D 61 9.66 -1.37 -25.14
CA GLY D 61 10.15 -2.70 -24.76
C GLY D 61 9.76 -3.10 -23.35
N ARG D 62 10.23 -4.28 -22.95
CA ARG D 62 9.98 -4.78 -21.60
C ARG D 62 11.20 -4.52 -20.72
N TYR D 63 10.96 -3.89 -19.56
CA TYR D 63 12.05 -3.43 -18.69
C TYR D 63 11.90 -3.97 -17.28
N CYS D 64 13.03 -4.01 -16.58
CA CYS D 64 13.09 -4.44 -15.18
CA CYS D 64 13.06 -4.42 -15.20
C CYS D 64 13.85 -3.41 -14.37
N LEU D 65 13.23 -2.91 -13.30
CA LEU D 65 13.93 -2.04 -12.34
C LEU D 65 14.05 -2.82 -11.04
N THR D 66 15.28 -3.00 -10.56
CA THR D 66 15.49 -3.81 -9.36
C THR D 66 16.21 -2.99 -8.31
N ALA D 67 15.57 -2.80 -7.17
CA ALA D 67 16.16 -2.11 -6.03
C ALA D 67 16.75 -3.14 -5.08
N GLU D 68 18.00 -2.95 -4.69
CA GLU D 68 18.65 -3.88 -3.78
C GLU D 68 18.25 -3.60 -2.32
N THR D 69 17.00 -3.89 -2.01
CA THR D 69 16.44 -3.52 -0.70
C THR D 69 16.96 -4.38 0.44
N GLY D 70 17.07 -5.69 0.20
CA GLY D 70 17.58 -6.62 1.21
C GLY D 70 18.96 -6.23 1.68
N ALA D 71 19.83 -5.91 0.71
CA ALA D 71 21.20 -5.48 1.02
C ALA D 71 21.21 -4.15 1.78
N TRP D 72 20.31 -3.24 1.40
CA TRP D 72 20.19 -1.96 2.08
C TRP D 72 19.76 -2.11 3.55
N PHE D 73 18.76 -2.96 3.82
CA PHE D 73 18.35 -3.21 5.21
C PHE D 73 19.45 -3.91 5.99
N ALA D 74 20.13 -4.85 5.34
CA ALA D 74 21.26 -5.59 5.94
C ALA D 74 22.38 -4.66 6.41
N ARG D 75 22.70 -3.64 5.61
CA ARG D 75 23.76 -2.68 5.94
C ARG D 75 23.43 -1.89 7.21
N ALA D 76 22.14 -1.66 7.43
CA ALA D 76 21.65 -0.98 8.63
C ALA D 76 21.43 -1.96 9.79
N GLY D 77 21.75 -3.23 9.57
CA GLY D 77 21.60 -4.27 10.57
C GLY D 77 20.15 -4.62 10.86
N ARG D 78 19.36 -4.67 9.79
CA ARG D 78 17.94 -4.94 9.89
C ARG D 78 17.57 -6.12 8.99
N GLU D 79 16.88 -7.11 9.56
CA GLU D 79 16.51 -8.33 8.83
C GLU D 79 15.24 -8.13 8.01
N SER D 80 15.18 -8.79 6.86
CA SER D 80 13.97 -8.77 6.02
C SER D 80 13.86 -10.07 5.25
N VAL D 81 12.65 -10.62 5.14
CA VAL D 81 12.44 -11.80 4.31
C VAL D 81 12.49 -11.49 2.81
N PHE D 82 12.35 -10.21 2.46
CA PHE D 82 12.45 -9.82 1.05
C PHE D 82 13.89 -9.49 0.70
N THR D 83 14.41 -10.15 -0.33
CA THR D 83 15.83 -10.04 -0.67
C THR D 83 16.12 -8.86 -1.59
N ARG D 84 15.12 -8.46 -2.36
CA ARG D 84 15.25 -7.37 -3.32
C ARG D 84 13.84 -7.03 -3.79
N ALA D 85 13.71 -5.95 -4.53
CA ALA D 85 12.42 -5.52 -5.07
C ALA D 85 12.55 -5.27 -6.57
N GLN D 86 11.95 -6.15 -7.37
CA GLN D 86 12.00 -6.06 -8.82
C GLN D 86 10.65 -5.65 -9.36
N ILE D 87 10.65 -4.61 -10.18
CA ILE D 87 9.47 -4.17 -10.91
C ILE D 87 9.65 -4.58 -12.36
N ASP D 88 8.59 -5.16 -12.94
CA ASP D 88 8.58 -5.54 -14.34
C ASP D 88 7.53 -4.70 -15.03
N PHE D 89 7.97 -3.91 -16.00
CA PHE D 89 7.04 -2.98 -16.65
C PHE D 89 7.26 -2.90 -18.15
N VAL D 90 6.29 -2.30 -18.84
CA VAL D 90 6.34 -2.18 -20.29
C VAL D 90 6.28 -0.72 -20.72
N ILE D 91 7.15 -0.36 -21.66
CA ILE D 91 7.05 0.92 -22.35
C ILE D 91 6.48 0.60 -23.73
N GLY D 92 5.30 1.12 -24.02
CA GLY D 92 4.64 0.89 -25.31
C GLY D 92 5.23 1.76 -26.40
N ASP D 97 6.00 8.96 -22.78
CA ASP D 97 5.82 9.92 -21.70
C ASP D 97 6.99 9.83 -20.70
N HIS D 98 6.71 10.12 -19.44
CA HIS D 98 7.68 9.90 -18.37
C HIS D 98 7.13 8.81 -17.46
N PHE D 99 8.00 7.90 -17.04
CA PHE D 99 7.62 6.87 -16.08
C PHE D 99 8.30 7.13 -14.74
N HIS D 100 7.50 7.43 -13.72
CA HIS D 100 8.00 7.58 -12.37
C HIS D 100 7.46 6.39 -11.59
N LEU D 101 8.37 5.50 -11.18
CA LEU D 101 7.99 4.23 -10.55
C LEU D 101 8.64 4.08 -9.16
N PRO D 102 8.01 4.66 -8.13
CA PRO D 102 8.53 4.63 -6.76
C PRO D 102 8.51 3.25 -6.13
N PHE D 103 9.35 3.06 -5.12
CA PHE D 103 9.28 1.88 -4.26
C PHE D 103 8.99 2.37 -2.85
N LEU D 104 7.97 1.81 -2.22
CA LEU D 104 7.69 2.09 -0.82
C LEU D 104 8.13 0.84 -0.08
N ILE D 105 9.14 0.97 0.76
CA ILE D 105 9.78 -0.23 1.31
C ILE D 105 9.77 -0.31 2.84
N ALA D 106 9.78 -1.54 3.33
CA ALA D 106 9.87 -1.82 4.77
C ALA D 106 10.40 -3.25 4.91
N PRO D 107 11.00 -3.59 6.07
CA PRO D 107 11.43 -4.97 6.22
C PRO D 107 10.33 -6.02 6.00
N GLY D 108 9.08 -5.69 6.28
CA GLY D 108 8.00 -6.67 6.16
C GLY D 108 7.06 -6.49 4.98
N GLY D 109 7.45 -5.65 4.01
CA GLY D 109 6.63 -5.46 2.84
C GLY D 109 7.11 -4.34 1.94
N TRP D 110 6.66 -4.37 0.69
CA TRP D 110 6.97 -3.29 -0.23
C TRP D 110 5.90 -3.13 -1.31
N SER D 111 5.88 -1.95 -1.91
CA SER D 111 4.88 -1.55 -2.90
C SER D 111 5.54 -0.77 -4.01
N THR D 112 4.88 -0.78 -5.16
CA THR D 112 5.21 0.13 -6.23
C THR D 112 3.92 0.61 -6.89
N TYR D 113 4.03 1.69 -7.64
CA TYR D 113 2.92 2.20 -8.41
C TYR D 113 3.46 3.11 -9.48
N ARG D 114 2.61 3.48 -10.42
CA ARG D 114 3.02 4.52 -11.34
C ARG D 114 2.61 5.87 -10.78
N GLY D 115 3.63 6.66 -10.41
CA GLY D 115 3.42 7.99 -9.85
C GLY D 115 3.40 9.05 -10.93
N SER D 116 3.61 10.29 -10.54
CA SER D 116 3.68 11.41 -11.47
C SER D 116 4.59 12.52 -10.96
P PO4 E . -6.27 -12.42 6.00
P PO4 E . -5.41 -13.38 4.49
O1 PO4 E . -7.49 -13.07 6.63
O1 PO4 E . -4.85 -12.66 5.68
O2 PO4 E . -6.46 -12.41 4.50
O2 PO4 E . -5.28 -14.88 4.68
O3 PO4 E . -6.09 -10.99 6.50
O3 PO4 E . -6.87 -13.02 4.35
O4 PO4 E . -5.04 -13.23 6.32
O4 PO4 E . -4.67 -12.95 3.24
P PO4 F . 7.13 12.01 -5.69
P PO4 F . 5.63 12.97 -4.89
O1 PO4 F . 7.48 12.72 -4.41
O1 PO4 F . 5.59 12.62 -6.36
O2 PO4 F . 7.48 10.54 -5.56
O2 PO4 F . 5.79 14.46 -4.74
O3 PO4 F . 5.64 12.15 -5.93
O3 PO4 F . 4.35 12.51 -4.22
O4 PO4 F . 7.89 12.62 -6.85
O4 PO4 F . 6.81 12.28 -4.26
#